data_8FHG
#
_entry.id   8FHG
#
_cell.length_a   61.054
_cell.length_b   61.054
_cell.length_c   159.290
_cell.angle_alpha   90.00
_cell.angle_beta   90.00
_cell.angle_gamma   90.00
#
_symmetry.space_group_name_H-M   'P 41 21 2'
#
loop_
_entity.id
_entity.type
_entity.pdbx_description
1 polymer 'Peroxisome proliferator-activated receptor gamma'
2 polymer 'Nuclear receptor corepressor 1'
3 non-polymer N-(4-carbamoylphenyl)-2-chloro-5-nitrobenzamide
4 water water
#
loop_
_entity_poly.entity_id
_entity_poly.type
_entity_poly.pdbx_seq_one_letter_code
_entity_poly.pdbx_strand_id
1 'polypeptide(L)'
;QLNPESADLRALAKHLYDSYIKSFPLTKAKARAILTGKTTDKSPFVIYDMNSLMMGEDKIKFKHITPLQEQSKEVAIRIF
QGCQFRSVEAVQEITEYAKSIPGFVNLDLNDQVTLLKYGVHEIIYTMLASLMNKDGVLISEGQGFMTREFLKSLRKPFGD
FMEPKFEFAVKFNALELDDSDLAIFIAVIILSGDRPGLLNVKPIEDIQDNLLQALELQLKLNHPESSQLFAKLLQKMTDL
RQIVTEHVQLLQVIKKTETDMSLHPLLQEIYKDLY
;
B
2 'polypeptide(L)' DPASNLGLEDIIRKALMGSFDDK D
#
loop_
_chem_comp.id
_chem_comp.type
_chem_comp.name
_chem_comp.formula
XZK non-polymer N-(4-carbamoylphenyl)-2-chloro-5-nitrobenzamide 'C14 H10 Cl N3 O4'
#
# COMPACT_ATOMS: atom_id res chain seq x y z
N GLN A 1 11.90 32.60 0.86
CA GLN A 1 11.17 31.32 0.81
C GLN A 1 11.78 30.35 -0.22
N LEU A 2 12.06 30.84 -1.43
CA LEU A 2 12.83 30.06 -2.40
C LEU A 2 14.30 30.30 -2.12
N ASN A 3 14.90 29.46 -1.29
CA ASN A 3 16.28 29.65 -0.88
C ASN A 3 17.05 28.35 -1.15
N PRO A 4 18.35 28.26 -0.85
CA PRO A 4 19.04 26.98 -1.07
C PRO A 4 18.33 25.81 -0.41
N GLU A 5 17.77 26.00 0.79
CA GLU A 5 17.12 24.89 1.47
C GLU A 5 15.90 24.40 0.69
N SER A 6 15.03 25.32 0.27
CA SER A 6 13.83 24.91 -0.44
C SER A 6 14.16 24.25 -1.77
N ALA A 7 15.15 24.77 -2.49
CA ALA A 7 15.60 24.11 -3.72
C ALA A 7 16.07 22.69 -3.43
N ASP A 8 16.84 22.51 -2.34
CA ASP A 8 17.29 21.18 -1.98
C ASP A 8 16.12 20.26 -1.70
N LEU A 9 15.08 20.79 -1.04
CA LEU A 9 13.89 20.00 -0.75
C LEU A 9 13.16 19.65 -2.02
N ARG A 10 13.14 20.56 -3.00
CA ARG A 10 12.53 20.22 -4.28
C ARG A 10 13.36 19.20 -5.01
N ALA A 11 14.68 19.29 -4.92
CA ALA A 11 15.53 18.29 -5.55
C ALA A 11 15.32 16.93 -4.92
N LEU A 12 15.21 16.89 -3.59
CA LEU A 12 14.89 15.65 -2.90
C LEU A 12 13.55 15.09 -3.37
N ALA A 13 12.53 15.95 -3.42
CA ALA A 13 11.22 15.52 -3.91
C ALA A 13 11.34 14.94 -5.30
N LYS A 14 12.09 15.59 -6.19
CA LYS A 14 12.22 15.07 -7.56
C LYS A 14 12.96 13.75 -7.56
N HIS A 15 14.05 13.69 -6.79
CA HIS A 15 14.81 12.45 -6.68
C HIS A 15 13.92 11.30 -6.25
N LEU A 16 13.10 11.53 -5.22
CA LEU A 16 12.21 10.49 -4.72
C LEU A 16 11.16 10.12 -5.75
N TYR A 17 10.60 11.12 -6.42
CA TYR A 17 9.62 10.84 -7.47
C TYR A 17 10.24 9.97 -8.56
N ASP A 18 11.43 10.32 -9.01
CA ASP A 18 12.07 9.55 -10.06
C ASP A 18 12.32 8.11 -9.62
N SER A 19 12.84 7.93 -8.40
CA SER A 19 13.03 6.59 -7.88
C SER A 19 11.71 5.87 -7.70
N TYR A 20 10.68 6.59 -7.26
CA TYR A 20 9.35 6.03 -7.14
C TYR A 20 8.85 5.53 -8.48
N ILE A 21 9.01 6.36 -9.52
CA ILE A 21 8.52 5.96 -10.83
C ILE A 21 9.29 4.74 -11.32
N LYS A 22 10.60 4.70 -11.04
CA LYS A 22 11.41 3.56 -11.43
C LYS A 22 11.04 2.30 -10.66
N SER A 23 10.71 2.46 -9.38
CA SER A 23 10.52 1.29 -8.53
C SER A 23 9.09 0.75 -8.62
N PHE A 24 8.12 1.61 -8.89
CA PHE A 24 6.70 1.23 -8.82
C PHE A 24 6.03 1.39 -10.17
N PRO A 25 5.94 0.32 -10.97
CA PRO A 25 5.25 0.43 -12.27
C PRO A 25 3.78 0.76 -12.13
N LEU A 26 3.11 0.23 -11.11
CA LEU A 26 1.70 0.55 -10.88
C LEU A 26 1.63 1.88 -10.13
N THR A 27 1.47 2.97 -10.86
CA THR A 27 1.35 4.28 -10.23
C THR A 27 -0.10 4.65 -9.98
N LYS A 28 -0.29 5.68 -9.17
CA LYS A 28 -1.65 6.15 -8.94
C LYS A 28 -2.24 6.72 -10.22
N ALA A 29 -1.43 7.45 -10.99
CA ALA A 29 -1.91 8.01 -12.24
C ALA A 29 -2.49 6.92 -13.14
N LYS A 30 -1.75 5.82 -13.27
CA LYS A 30 -2.22 4.71 -14.09
C LYS A 30 -3.50 4.12 -13.51
N ALA A 31 -3.56 3.96 -12.19
CA ALA A 31 -4.76 3.40 -11.57
C ALA A 31 -5.96 4.32 -11.75
N ARG A 32 -5.76 5.62 -11.56
CA ARG A 32 -6.90 6.53 -11.67
C ARG A 32 -7.39 6.63 -13.10
N ALA A 33 -6.47 6.54 -14.07
CA ALA A 33 -6.89 6.51 -15.47
C ALA A 33 -7.83 5.35 -15.70
N ILE A 34 -7.51 4.17 -15.17
CA ILE A 34 -8.40 3.02 -15.34
C ILE A 34 -9.72 3.27 -14.62
N LEU A 35 -9.65 3.70 -13.35
CA LEU A 35 -10.86 3.85 -12.54
C LEU A 35 -11.80 4.90 -13.09
N THR A 36 -11.26 5.95 -13.71
CA THR A 36 -12.09 6.99 -14.30
C THR A 36 -12.37 6.73 -15.78
N GLY A 37 -12.07 5.54 -16.27
CA GLY A 37 -12.40 5.13 -17.63
C GLY A 37 -11.64 5.84 -18.72
N LYS A 38 -10.31 5.88 -18.61
CA LYS A 38 -9.51 6.57 -19.61
C LYS A 38 -8.57 5.66 -20.38
N THR A 39 -8.25 4.46 -19.86
CA THR A 39 -7.41 3.54 -20.62
C THR A 39 -8.31 2.62 -21.44
N THR A 40 -8.25 2.74 -22.76
CA THR A 40 -9.03 1.92 -23.67
C THR A 40 -8.36 0.59 -23.98
N ASP A 41 -7.37 0.19 -23.18
CA ASP A 41 -6.60 -1.02 -23.38
C ASP A 41 -7.19 -2.12 -22.50
N SER A 43 -10.41 -2.70 -21.03
CA SER A 43 -10.98 -2.11 -19.83
C SER A 43 -11.39 -3.20 -18.83
N PRO A 44 -11.24 -2.96 -17.53
CA PRO A 44 -11.38 -4.05 -16.56
C PRO A 44 -12.78 -4.63 -16.50
N PHE A 45 -12.85 -5.95 -16.38
CA PHE A 45 -14.11 -6.64 -16.20
C PHE A 45 -14.57 -6.44 -14.76
N VAL A 46 -15.84 -6.11 -14.59
CA VAL A 46 -16.38 -5.81 -13.26
C VAL A 46 -16.95 -7.08 -12.67
N ILE A 47 -16.45 -7.44 -11.49
CA ILE A 47 -16.98 -8.57 -10.73
C ILE A 47 -17.78 -7.98 -9.57
N TYR A 48 -19.11 -8.08 -9.65
CA TYR A 48 -19.96 -7.44 -8.66
C TYR A 48 -20.87 -8.42 -7.92
N ASP A 49 -20.84 -9.70 -8.28
CA ASP A 49 -21.66 -10.70 -7.63
C ASP A 49 -21.14 -12.06 -8.07
N MET A 50 -21.72 -13.12 -7.48
CA MET A 50 -21.24 -14.47 -7.77
C MET A 50 -21.40 -14.80 -9.24
N ASN A 51 -22.48 -14.34 -9.86
CA ASN A 51 -22.70 -14.62 -11.28
C ASN A 51 -21.59 -13.99 -12.14
N SER A 52 -21.31 -12.72 -11.93
CA SER A 52 -20.24 -12.09 -12.70
C SER A 52 -18.88 -12.64 -12.31
N LEU A 53 -18.74 -13.11 -11.06
CA LEU A 53 -17.51 -13.76 -10.67
C LEU A 53 -17.22 -14.96 -11.57
N MET A 54 -18.21 -15.84 -11.72
CA MET A 54 -18.02 -17.02 -12.56
C MET A 54 -17.84 -16.63 -14.03
N MET A 55 -18.54 -15.60 -14.48
CA MET A 55 -18.35 -15.14 -15.85
C MET A 55 -16.98 -14.51 -16.06
N GLY A 56 -16.30 -14.11 -14.99
CA GLY A 56 -14.95 -13.60 -15.08
C GLY A 56 -13.88 -14.66 -14.96
N GLU A 57 -14.25 -15.94 -14.96
CA GLU A 57 -13.28 -17.00 -14.73
C GLU A 57 -12.13 -16.95 -15.70
N ASP A 58 -12.41 -16.63 -16.97
CA ASP A 58 -11.34 -16.61 -17.97
C ASP A 58 -10.29 -15.54 -17.65
N LYS A 59 -10.69 -14.46 -16.98
CA LYS A 59 -9.75 -13.36 -16.74
C LYS A 59 -8.96 -13.47 -15.45
N ILE A 60 -9.38 -14.32 -14.51
CA ILE A 60 -8.60 -14.54 -13.30
C ILE A 60 -7.64 -15.70 -13.59
N LYS A 61 -6.36 -15.37 -13.71
CA LYS A 61 -5.34 -16.38 -13.95
C LYS A 61 -4.88 -16.95 -12.62
N PHE A 62 -4.87 -18.27 -12.52
CA PHE A 62 -4.32 -18.91 -11.34
C PHE A 62 -2.80 -18.94 -11.43
N LYS A 63 -2.13 -18.52 -10.37
CA LYS A 63 -0.68 -18.41 -10.32
C LYS A 63 -0.03 -19.54 -9.52
N HIS A 64 -0.65 -19.96 -8.43
CA HIS A 64 -0.02 -20.81 -7.41
C HIS A 64 0.59 -22.09 -7.95
N SER A 72 -1.68 -24.38 3.59
CA SER A 72 -2.57 -24.58 4.71
C SER A 72 -3.87 -25.20 4.22
N LYS A 73 -4.63 -25.79 5.14
CA LYS A 73 -5.95 -26.29 4.79
C LYS A 73 -7.03 -25.24 4.98
N GLU A 74 -6.78 -24.25 5.85
CA GLU A 74 -7.70 -23.16 6.04
C GLU A 74 -7.64 -22.22 4.84
N VAL A 75 -8.81 -21.92 4.26
CA VAL A 75 -8.86 -21.08 3.07
C VAL A 75 -8.28 -19.70 3.37
N ALA A 76 -8.68 -19.09 4.48
CA ALA A 76 -8.17 -17.76 4.81
C ALA A 76 -6.65 -17.75 4.94
N ILE A 77 -6.10 -18.76 5.64
CA ILE A 77 -4.65 -18.81 5.79
C ILE A 77 -3.97 -19.00 4.44
N ARG A 78 -4.56 -19.84 3.58
CA ARG A 78 -4.01 -20.00 2.23
C ARG A 78 -4.03 -18.68 1.48
N ILE A 79 -5.10 -17.90 1.65
CA ILE A 79 -5.17 -16.59 1.02
C ILE A 79 -4.03 -15.72 1.54
N PHE A 80 -3.84 -15.69 2.85
CA PHE A 80 -2.79 -14.85 3.42
C PHE A 80 -1.40 -15.32 3.01
N GLN A 81 -1.18 -16.63 3.00
CA GLN A 81 0.09 -17.15 2.51
C GLN A 81 0.30 -16.76 1.07
N GLY A 82 -0.75 -16.85 0.26
CA GLY A 82 -0.62 -16.49 -1.15
C GLY A 82 -0.37 -15.02 -1.36
N CYS A 83 -1.10 -14.16 -0.64
CA CYS A 83 -0.93 -12.72 -0.86
C CYS A 83 0.40 -12.25 -0.30
N GLN A 84 0.85 -12.83 0.81
CA GLN A 84 2.16 -12.44 1.33
C GLN A 84 3.26 -12.90 0.39
N PHE A 85 3.13 -14.11 -0.17
CA PHE A 85 4.07 -14.53 -1.21
C PHE A 85 4.01 -13.59 -2.41
N ARG A 86 2.80 -13.25 -2.86
CA ARG A 86 2.66 -12.37 -4.00
C ARG A 86 3.14 -10.95 -3.69
N SER A 87 3.19 -10.58 -2.42
CA SER A 87 3.65 -9.26 -2.00
C SER A 87 5.16 -9.13 -1.99
N VAL A 88 5.90 -10.22 -2.14
CA VAL A 88 7.36 -10.14 -2.13
C VAL A 88 7.83 -9.12 -3.15
N GLU A 89 7.25 -9.13 -4.34
CA GLU A 89 7.67 -8.20 -5.38
C GLU A 89 7.50 -6.75 -4.92
N ALA A 90 6.35 -6.46 -4.29
CA ALA A 90 6.11 -5.14 -3.73
C ALA A 90 7.13 -4.82 -2.65
N VAL A 91 7.41 -5.77 -1.77
CA VAL A 91 8.39 -5.56 -0.71
C VAL A 91 9.75 -5.26 -1.30
N GLN A 92 10.10 -5.95 -2.38
CA GLN A 92 11.39 -5.71 -3.03
C GLN A 92 11.41 -4.35 -3.71
N GLU A 93 10.30 -3.96 -4.34
CA GLU A 93 10.21 -2.64 -4.95
C GLU A 93 10.34 -1.56 -3.89
N ILE A 94 9.64 -1.71 -2.77
CA ILE A 94 9.71 -0.72 -1.71
C ILE A 94 11.10 -0.66 -1.13
N THR A 95 11.72 -1.82 -0.92
CA THR A 95 13.09 -1.83 -0.44
C THR A 95 14.01 -1.12 -1.42
N GLU A 96 13.84 -1.39 -2.72
CA GLU A 96 14.64 -0.70 -3.73
C GLU A 96 14.44 0.80 -3.65
N TYR A 97 13.18 1.21 -3.53
CA TYR A 97 12.86 2.62 -3.34
C TYR A 97 13.58 3.19 -2.11
N ALA A 98 13.55 2.46 -1.01
CA ALA A 98 14.16 2.95 0.22
C ALA A 98 15.64 3.24 0.03
N LYS A 99 16.32 2.44 -0.80
CA LYS A 99 17.75 2.69 -1.06
C LYS A 99 17.98 4.05 -1.68
N SER A 100 17.00 4.58 -2.38
CA SER A 100 17.13 5.90 -2.97
C SER A 100 16.94 7.02 -1.97
N ILE A 101 16.42 6.73 -0.80
CA ILE A 101 16.24 7.77 0.21
C ILE A 101 17.59 8.16 0.77
N PRO A 102 18.01 9.42 0.61
CA PRO A 102 19.34 9.82 1.08
C PRO A 102 19.51 9.51 2.55
N GLY A 103 20.58 8.76 2.86
CA GLY A 103 20.90 8.39 4.22
C GLY A 103 20.38 7.04 4.65
N PHE A 104 19.39 6.49 3.94
CA PHE A 104 18.77 5.25 4.41
C PHE A 104 19.79 4.12 4.46
N VAL A 105 20.56 3.92 3.38
CA VAL A 105 21.48 2.79 3.36
C VAL A 105 22.65 2.97 4.31
N ASN A 106 22.88 4.18 4.83
CA ASN A 106 23.90 4.41 5.86
C ASN A 106 23.42 4.11 7.27
N LEU A 107 22.13 3.85 7.46
CA LEU A 107 21.64 3.49 8.77
C LEU A 107 22.15 2.11 9.15
N ASP A 108 22.22 1.87 10.45
CA ASP A 108 22.42 0.50 10.92
C ASP A 108 21.51 -0.45 10.14
N LEU A 109 22.09 -1.48 9.55
CA LEU A 109 21.32 -2.38 8.70
C LEU A 109 20.16 -3.03 9.45
N ASN A 110 20.31 -3.32 10.75
CA ASN A 110 19.16 -3.81 11.51
C ASN A 110 18.02 -2.80 11.45
N ASP A 111 18.35 -1.51 11.60
CA ASP A 111 17.32 -0.48 11.58
C ASP A 111 16.69 -0.37 10.19
N GLN A 112 17.49 -0.52 9.13
CA GLN A 112 16.92 -0.54 7.78
C GLN A 112 15.89 -1.66 7.67
N VAL A 113 16.23 -2.85 8.16
CA VAL A 113 15.31 -3.97 8.05
C VAL A 113 14.07 -3.73 8.90
N THR A 114 14.27 -3.23 10.12
CA THR A 114 13.14 -2.94 11.01
C THR A 114 12.22 -1.91 10.38
N LEU A 115 12.80 -0.84 9.83
CA LEU A 115 11.99 0.20 9.19
C LEU A 115 11.18 -0.39 8.05
N LEU A 116 11.83 -1.20 7.22
CA LEU A 116 11.11 -1.77 6.09
C LEU A 116 10.11 -2.84 6.53
N LYS A 117 10.46 -3.65 7.54
CA LYS A 117 9.52 -4.73 7.84
C LYS A 117 8.22 -4.19 8.42
N TYR A 118 8.26 -3.02 9.03
CA TYR A 118 6.98 -2.41 9.39
C TYR A 118 6.42 -1.58 8.25
N GLY A 119 7.28 -0.81 7.59
CA GLY A 119 6.81 0.15 6.60
C GLY A 119 6.16 -0.48 5.39
N VAL A 120 6.64 -1.65 4.96
CA VAL A 120 6.17 -2.18 3.68
C VAL A 120 4.67 -2.41 3.71
N HIS A 121 4.14 -2.89 4.84
CA HIS A 121 2.72 -3.17 4.88
C HIS A 121 1.91 -1.88 4.75
N GLU A 122 2.35 -0.83 5.44
CA GLU A 122 1.67 0.45 5.35
C GLU A 122 1.78 1.03 3.95
N ILE A 123 2.92 0.82 3.30
CA ILE A 123 3.06 1.31 1.93
C ILE A 123 2.18 0.52 0.98
N ILE A 124 2.07 -0.80 1.19
CA ILE A 124 1.22 -1.61 0.34
C ILE A 124 -0.22 -1.12 0.43
N TYR A 125 -0.69 -0.83 1.65
CA TYR A 125 -2.04 -0.30 1.78
C TYR A 125 -2.17 1.08 1.16
N THR A 126 -1.15 1.92 1.31
CA THR A 126 -1.17 3.23 0.66
C THR A 126 -1.33 3.06 -0.84
N MET A 127 -0.53 2.18 -1.43
CA MET A 127 -0.61 1.99 -2.87
C MET A 127 -1.87 1.23 -3.26
N LEU A 128 -2.35 0.33 -2.40
CA LEU A 128 -3.62 -0.32 -2.68
C LEU A 128 -4.76 0.71 -2.78
N ALA A 129 -4.70 1.78 -1.97
CA ALA A 129 -5.72 2.82 -2.07
C ALA A 129 -5.77 3.43 -3.46
N SER A 130 -4.62 3.51 -4.14
CA SER A 130 -4.62 4.02 -5.51
C SER A 130 -5.49 3.17 -6.42
N LEU A 131 -5.58 1.88 -6.12
CA LEU A 131 -6.35 0.95 -6.92
C LEU A 131 -7.82 0.94 -6.55
N MET A 132 -8.22 1.74 -5.56
CA MET A 132 -9.56 1.67 -5.00
C MET A 132 -10.33 2.93 -5.29
N ASN A 133 -11.63 2.76 -5.55
CA ASN A 133 -12.52 3.89 -5.37
C ASN A 133 -13.62 3.42 -4.44
N LYS A 134 -14.62 4.26 -4.22
CA LYS A 134 -15.69 3.88 -3.32
C LYS A 134 -16.45 2.66 -3.82
N ASP A 135 -16.32 2.32 -5.11
CA ASP A 135 -17.07 1.20 -5.69
C ASP A 135 -16.34 -0.12 -5.61
N GLY A 136 -15.01 -0.11 -5.51
CA GLY A 136 -14.30 -1.37 -5.56
C GLY A 136 -12.82 -1.14 -5.87
N VAL A 137 -12.15 -2.23 -6.25
CA VAL A 137 -10.70 -2.22 -6.33
C VAL A 137 -10.28 -2.91 -7.60
N LEU A 138 -9.28 -2.35 -8.27
CA LEU A 138 -8.69 -3.00 -9.43
C LEU A 138 -7.95 -4.25 -9.00
N ILE A 139 -8.11 -5.32 -9.76
CA ILE A 139 -7.45 -6.60 -9.51
C ILE A 139 -6.84 -7.08 -10.82
N SER A 140 -6.24 -8.26 -10.77
CA SER A 140 -5.72 -8.95 -11.95
C SER A 140 -4.88 -8.01 -12.80
N GLU A 141 -4.05 -7.22 -12.15
CA GLU A 141 -3.20 -6.23 -12.83
C GLU A 141 -4.04 -5.31 -13.70
N GLY A 142 -4.94 -4.57 -13.04
CA GLY A 142 -5.77 -3.59 -13.71
C GLY A 142 -6.77 -4.17 -14.71
N GLN A 143 -6.81 -5.50 -14.83
CA GLN A 143 -7.67 -6.17 -15.78
C GLN A 143 -9.04 -6.51 -15.21
N GLY A 144 -9.20 -6.45 -13.89
CA GLY A 144 -10.48 -6.71 -13.28
C GLY A 144 -10.80 -5.64 -12.26
N PHE A 145 -12.08 -5.55 -11.92
CA PHE A 145 -12.55 -4.62 -10.91
C PHE A 145 -13.49 -5.38 -9.99
N MET A 146 -13.10 -5.51 -8.73
CA MET A 146 -13.89 -6.23 -7.73
C MET A 146 -14.66 -5.22 -6.90
N THR A 147 -15.98 -5.34 -6.86
CA THR A 147 -16.72 -4.31 -6.15
C THR A 147 -16.58 -4.45 -4.66
N ARG A 148 -16.65 -3.30 -4.00
CA ARG A 148 -16.51 -3.26 -2.56
C ARG A 148 -17.68 -3.96 -1.88
N GLU A 149 -18.88 -3.79 -2.41
CA GLU A 149 -20.02 -4.41 -1.73
C GLU A 149 -20.07 -5.91 -1.97
N PHE A 150 -19.61 -6.38 -3.12
CA PHE A 150 -19.47 -7.82 -3.32
C PHE A 150 -18.51 -8.41 -2.31
N LEU A 151 -17.32 -7.81 -2.17
CA LEU A 151 -16.38 -8.28 -1.16
C LEU A 151 -17.01 -8.25 0.24
N LYS A 152 -17.70 -7.16 0.56
CA LYS A 152 -18.31 -7.02 1.88
C LYS A 152 -19.39 -8.07 2.11
N SER A 153 -20.03 -8.54 1.05
CA SER A 153 -21.14 -9.49 1.15
C SER A 153 -20.67 -10.92 1.39
N LEU A 154 -19.38 -11.21 1.19
CA LEU A 154 -18.93 -12.59 1.31
C LEU A 154 -19.07 -13.07 2.75
N ARG A 155 -19.22 -14.38 2.90
CA ARG A 155 -19.51 -14.93 4.20
C ARG A 155 -18.36 -14.64 5.16
N LYS A 156 -18.70 -14.45 6.42
CA LYS A 156 -17.68 -14.21 7.42
C LYS A 156 -16.66 -15.35 7.40
N PRO A 157 -15.39 -15.06 7.68
CA PRO A 157 -14.86 -13.74 8.01
C PRO A 157 -14.38 -12.97 6.77
N PHE A 158 -14.59 -13.54 5.59
CA PHE A 158 -14.05 -12.95 4.36
C PHE A 158 -14.66 -11.58 4.08
N GLY A 159 -15.96 -11.43 4.35
CA GLY A 159 -16.62 -10.17 4.09
C GLY A 159 -16.02 -8.99 4.83
N ASP A 160 -15.25 -9.26 5.89
CA ASP A 160 -14.63 -8.21 6.68
C ASP A 160 -13.18 -7.96 6.28
N PHE A 161 -12.62 -8.74 5.35
CA PHE A 161 -11.21 -8.60 5.03
C PHE A 161 -10.90 -7.20 4.52
N MET A 162 -11.64 -6.75 3.51
CA MET A 162 -11.23 -5.58 2.75
C MET A 162 -11.94 -4.29 3.15
N GLU A 163 -13.10 -4.38 3.76
CA GLU A 163 -13.86 -3.16 4.02
C GLU A 163 -13.09 -2.09 4.80
N PRO A 164 -12.29 -2.43 5.82
CA PRO A 164 -11.54 -1.35 6.48
C PRO A 164 -10.51 -0.71 5.56
N LYS A 165 -9.99 -1.47 4.59
CA LYS A 165 -9.07 -0.88 3.62
C LYS A 165 -9.82 0.06 2.69
N PHE A 166 -11.05 -0.30 2.30
CA PHE A 166 -11.90 0.62 1.55
C PHE A 166 -12.24 1.86 2.36
N GLU A 167 -12.57 1.68 3.63
CA GLU A 167 -12.92 2.85 4.44
C GLU A 167 -11.72 3.80 4.50
N PHE A 168 -10.54 3.24 4.72
CA PHE A 168 -9.32 4.03 4.67
C PHE A 168 -9.14 4.68 3.30
N ALA A 169 -9.26 3.88 2.23
CA ALA A 169 -8.92 4.36 0.90
C ALA A 169 -9.79 5.54 0.50
N VAL A 170 -11.08 5.47 0.84
CA VAL A 170 -11.97 6.60 0.57
C VAL A 170 -11.46 7.85 1.27
N LYS A 171 -11.10 7.73 2.55
CA LYS A 171 -10.62 8.89 3.29
C LYS A 171 -9.26 9.34 2.77
N PHE A 172 -8.40 8.38 2.43
CA PHE A 172 -7.08 8.72 1.92
C PHE A 172 -7.19 9.33 0.52
N ASN A 173 -8.00 8.73 -0.35
CA ASN A 173 -8.10 9.23 -1.71
C ASN A 173 -8.77 10.60 -1.75
N ALA A 174 -9.57 10.94 -0.73
CA ALA A 174 -10.15 12.27 -0.63
C ALA A 174 -9.07 13.35 -0.50
N LEU A 175 -7.86 12.98 -0.10
CA LEU A 175 -6.77 13.95 -0.07
C LEU A 175 -6.26 14.32 -1.45
N GLU A 176 -6.59 13.53 -2.48
CA GLU A 176 -6.24 13.83 -3.87
C GLU A 176 -4.73 13.90 -4.07
N LEU A 177 -4.00 13.04 -3.38
CA LEU A 177 -2.56 13.01 -3.59
C LEU A 177 -2.25 12.47 -4.97
N ASP A 178 -1.15 12.94 -5.54
CA ASP A 178 -0.66 12.34 -6.77
C ASP A 178 0.62 11.58 -6.47
N ASP A 179 1.22 11.02 -7.52
CA ASP A 179 2.41 10.20 -7.32
C ASP A 179 3.57 11.01 -6.77
N SER A 180 3.67 12.29 -7.15
CA SER A 180 4.72 13.15 -6.61
C SER A 180 4.57 13.30 -5.10
N ASP A 181 3.34 13.51 -4.63
CA ASP A 181 3.10 13.52 -3.18
C ASP A 181 3.39 12.17 -2.56
N LEU A 182 2.86 11.11 -3.17
CA LEU A 182 2.99 9.78 -2.60
C LEU A 182 4.44 9.36 -2.49
N ALA A 183 5.28 9.77 -3.45
CA ALA A 183 6.69 9.40 -3.38
C ALA A 183 7.31 9.87 -2.09
N ILE A 184 7.00 11.08 -1.65
CA ILE A 184 7.59 11.55 -0.41
C ILE A 184 6.89 10.93 0.78
N PHE A 185 5.56 10.80 0.70
CA PHE A 185 4.81 10.23 1.81
C PHE A 185 5.33 8.84 2.16
N ILE A 186 5.58 8.04 1.13
CA ILE A 186 6.05 6.69 1.37
C ILE A 186 7.42 6.72 2.02
N ALA A 187 8.26 7.68 1.64
CA ALA A 187 9.57 7.78 2.28
C ALA A 187 9.41 8.15 3.75
N VAL A 188 8.48 9.05 4.06
CA VAL A 188 8.20 9.42 5.44
C VAL A 188 7.73 8.21 6.24
N ILE A 189 6.85 7.39 5.64
CA ILE A 189 6.43 6.15 6.29
C ILE A 189 7.64 5.29 6.64
N ILE A 190 8.54 5.10 5.68
CA ILE A 190 9.68 4.20 5.92
C ILE A 190 10.53 4.73 7.06
N LEU A 191 10.77 6.03 7.09
CA LEU A 191 11.68 6.64 8.08
C LEU A 191 10.95 6.97 9.37
N SER A 192 10.17 6.02 9.88
CA SER A 192 9.37 6.23 11.08
C SER A 192 10.24 5.85 12.29
N GLY A 193 10.58 6.84 13.11
CA GLY A 193 11.44 6.60 14.25
C GLY A 193 10.77 5.88 15.40
N ASP A 194 9.46 5.63 15.30
CA ASP A 194 8.71 5.00 16.39
C ASP A 194 8.60 3.49 16.26
N ARG A 195 9.22 2.87 15.25
CA ARG A 195 9.10 1.43 15.10
C ARG A 195 9.72 0.73 16.29
N PRO A 196 9.12 -0.35 16.77
CA PRO A 196 9.73 -1.10 17.87
C PRO A 196 11.04 -1.73 17.43
N GLY A 197 12.01 -1.74 18.33
CA GLY A 197 13.26 -2.41 18.07
C GLY A 197 14.28 -1.59 17.33
N LEU A 198 14.00 -0.31 17.07
CA LEU A 198 14.97 0.55 16.42
C LEU A 198 16.15 0.81 17.36
N LEU A 199 17.36 0.65 16.84
CA LEU A 199 18.56 0.80 17.63
C LEU A 199 18.98 2.25 17.76
N ASN A 200 19.00 2.98 16.66
CA ASN A 200 19.46 4.37 16.63
C ASN A 200 18.34 5.23 16.06
N VAL A 201 17.47 5.75 16.93
CA VAL A 201 16.32 6.51 16.44
C VAL A 201 16.75 7.85 15.85
N LYS A 202 17.78 8.48 16.38
CA LYS A 202 18.10 9.85 15.97
C LYS A 202 18.48 9.98 14.50
N PRO A 203 19.37 9.14 13.93
CA PRO A 203 19.64 9.28 12.49
C PRO A 203 18.42 9.00 11.63
N ILE A 204 17.52 8.15 12.08
CA ILE A 204 16.27 7.93 11.36
C ILE A 204 15.43 9.20 11.39
N GLU A 205 15.29 9.80 12.58
CA GLU A 205 14.53 11.03 12.68
C GLU A 205 15.16 12.17 11.89
N ASP A 206 16.49 12.20 11.82
CA ASP A 206 17.17 13.20 11.00
C ASP A 206 16.76 13.09 9.55
N ILE A 207 16.69 11.87 9.02
CA ILE A 207 16.23 11.68 7.66
C ILE A 207 14.74 12.01 7.57
N GLN A 208 13.95 11.48 8.49
CA GLN A 208 12.51 11.76 8.39
C GLN A 208 12.23 13.25 8.47
N ASP A 209 12.96 13.97 9.33
CA ASP A 209 12.77 15.43 9.39
C ASP A 209 12.97 16.06 8.03
N ASN A 210 14.01 15.61 7.30
CA ASN A 210 14.24 16.15 5.98
C ASN A 210 13.12 15.78 5.04
N LEU A 211 12.66 14.52 5.10
CA LEU A 211 11.57 14.09 4.25
C LEU A 211 10.29 14.84 4.57
N LEU A 212 10.05 15.08 5.86
CA LEU A 212 8.86 15.82 6.26
C LEU A 212 8.89 17.25 5.76
N GLN A 213 10.04 17.89 5.86
CA GLN A 213 10.18 19.22 5.27
C GLN A 213 9.88 19.16 3.79
N ALA A 214 10.44 18.16 3.11
CA ALA A 214 10.19 18.01 1.68
C ALA A 214 8.71 17.76 1.41
N LEU A 215 8.07 16.95 2.25
CA LEU A 215 6.65 16.67 2.04
C LEU A 215 5.82 17.92 2.29
N GLU A 216 6.11 18.61 3.38
CA GLU A 216 5.40 19.85 3.68
C GLU A 216 5.47 20.83 2.52
N LEU A 217 6.66 21.02 1.97
CA LEU A 217 6.81 21.94 0.85
C LEU A 217 6.09 21.41 -0.38
N GLN A 218 6.24 20.11 -0.66
CA GLN A 218 5.55 19.49 -1.79
C GLN A 218 4.05 19.72 -1.72
N LEU A 219 3.47 19.55 -0.54
CA LEU A 219 2.04 19.66 -0.41
C LEU A 219 1.58 21.11 -0.51
N LYS A 220 2.38 22.04 0.02
CA LYS A 220 2.09 23.46 -0.17
C LYS A 220 2.11 23.83 -1.65
N LEU A 221 3.14 23.41 -2.37
CA LEU A 221 3.23 23.76 -3.78
C LEU A 221 2.16 23.05 -4.59
N ASN A 222 1.80 21.82 -4.23
CA ASN A 222 0.96 21.02 -5.08
C ASN A 222 -0.52 21.09 -4.73
N HIS A 223 -0.88 21.57 -3.55
CA HIS A 223 -2.28 21.53 -3.12
C HIS A 223 -2.68 22.84 -2.49
N PRO A 224 -2.75 23.90 -3.28
CA PRO A 224 -3.15 25.20 -2.73
C PRO A 224 -4.51 25.17 -2.10
N GLU A 225 -5.37 24.27 -2.53
CA GLU A 225 -6.76 24.22 -2.09
C GLU A 225 -6.95 23.53 -0.75
N SER A 226 -5.93 22.88 -0.22
CA SER A 226 -6.10 21.96 0.90
C SER A 226 -5.51 22.57 2.15
N SER A 227 -6.35 22.96 3.10
CA SER A 227 -5.85 23.41 4.37
C SER A 227 -5.42 22.21 5.19
N GLN A 228 -4.24 22.32 5.81
CA GLN A 228 -3.74 21.32 6.74
C GLN A 228 -3.56 19.96 6.07
N LEU A 229 -3.29 19.96 4.76
CA LEU A 229 -3.13 18.68 4.08
C LEU A 229 -2.00 17.87 4.69
N PHE A 230 -0.90 18.54 5.03
CA PHE A 230 0.23 17.88 5.68
C PHE A 230 -0.22 17.15 6.93
N ALA A 231 -0.90 17.87 7.83
CA ALA A 231 -1.43 17.24 9.05
C ALA A 231 -2.38 16.10 8.72
N LYS A 232 -3.30 16.32 7.76
CA LYS A 232 -4.27 15.29 7.43
C LYS A 232 -3.59 14.05 6.90
N LEU A 233 -2.59 14.25 6.06
CA LEU A 233 -1.84 13.13 5.51
C LEU A 233 -1.09 12.39 6.60
N LEU A 234 -0.43 13.13 7.50
CA LEU A 234 0.29 12.48 8.59
C LEU A 234 -0.67 11.69 9.47
N GLN A 235 -1.88 12.21 9.65
CA GLN A 235 -2.87 11.48 10.45
C GLN A 235 -3.27 10.17 9.77
N LYS A 236 -3.15 10.08 8.44
CA LYS A 236 -3.46 8.84 7.75
C LYS A 236 -2.51 7.71 8.12
N MET A 237 -1.31 8.05 8.60
CA MET A 237 -0.43 7.00 9.10
C MET A 237 -1.05 6.27 10.27
N THR A 238 -1.84 6.98 11.07
CA THR A 238 -2.59 6.30 12.12
C THR A 238 -3.52 5.26 11.53
N ASP A 239 -4.25 5.62 10.47
CA ASP A 239 -5.17 4.67 9.85
C ASP A 239 -4.43 3.51 9.23
N LEU A 240 -3.31 3.79 8.56
CA LEU A 240 -2.51 2.73 7.95
C LEU A 240 -2.07 1.71 8.99
N ARG A 241 -1.48 2.19 10.09
CA ARG A 241 -1.06 1.27 11.13
C ARG A 241 -2.23 0.47 11.66
N GLN A 242 -3.38 1.12 11.86
CA GLN A 242 -4.55 0.42 12.36
C GLN A 242 -4.91 -0.73 11.44
N ILE A 243 -4.93 -0.48 10.13
CA ILE A 243 -5.26 -1.51 9.15
C ILE A 243 -4.29 -2.67 9.25
N VAL A 244 -2.99 -2.37 9.36
CA VAL A 244 -2.01 -3.45 9.47
C VAL A 244 -2.28 -4.27 10.73
N THR A 245 -2.37 -3.59 11.87
CA THR A 245 -2.54 -4.35 13.10
C THR A 245 -3.90 -5.03 13.17
N GLU A 246 -4.88 -4.55 12.42
CA GLU A 246 -6.16 -5.26 12.33
C GLU A 246 -5.99 -6.67 11.78
N HIS A 247 -4.91 -6.93 11.02
CA HIS A 247 -4.69 -8.27 10.51
C HIS A 247 -4.50 -9.26 11.65
N VAL A 248 -3.89 -8.84 12.76
CA VAL A 248 -3.75 -9.74 13.91
C VAL A 248 -5.13 -10.14 14.42
N GLN A 249 -6.04 -9.17 14.51
CA GLN A 249 -7.41 -9.44 14.93
C GLN A 249 -8.13 -10.35 13.95
N LEU A 250 -7.89 -10.17 12.65
CA LEU A 250 -8.53 -11.03 11.66
C LEU A 250 -8.10 -12.48 11.85
N LEU A 251 -6.81 -12.71 12.10
CA LEU A 251 -6.32 -14.06 12.33
C LEU A 251 -7.04 -14.71 13.51
N GLN A 252 -7.21 -13.96 14.60
CA GLN A 252 -7.94 -14.51 15.74
C GLN A 252 -9.40 -14.79 15.40
N VAL A 253 -10.01 -13.95 14.56
CA VAL A 253 -11.38 -14.21 14.13
C VAL A 253 -11.45 -15.51 13.35
N ILE A 254 -10.44 -15.75 12.49
CA ILE A 254 -10.42 -16.95 11.67
C ILE A 254 -10.28 -18.20 12.53
N LYS A 255 -9.36 -18.18 13.50
CA LYS A 255 -9.16 -19.37 14.33
C LYS A 255 -10.41 -19.67 15.17
N LYS A 256 -11.17 -18.66 15.47
CA LYS A 256 -12.32 -18.87 16.31
C LYS A 256 -13.53 -19.20 15.49
N THR A 257 -13.52 -18.93 14.20
CA THR A 257 -14.66 -19.18 13.35
C THR A 257 -14.94 -20.63 13.13
N GLU A 258 -16.15 -21.08 13.44
CA GLU A 258 -16.48 -22.50 13.22
C GLU A 258 -17.58 -22.75 12.26
N THR A 259 -17.95 -21.67 11.61
CA THR A 259 -18.92 -21.70 10.59
C THR A 259 -18.19 -21.99 9.26
N ASP A 260 -18.92 -22.20 8.21
CA ASP A 260 -18.30 -22.56 6.98
C ASP A 260 -17.40 -21.48 6.46
N MET A 261 -16.15 -21.82 6.24
CA MET A 261 -15.20 -20.88 5.67
C MET A 261 -14.73 -21.32 4.28
N SER A 262 -15.60 -21.98 3.53
CA SER A 262 -15.30 -22.24 2.14
C SER A 262 -15.41 -20.95 1.34
N LEU A 263 -14.64 -20.87 0.27
CA LEU A 263 -14.67 -19.70 -0.58
C LEU A 263 -14.43 -20.13 -2.01
N HIS A 264 -15.21 -19.56 -2.93
CA HIS A 264 -15.05 -19.87 -4.34
C HIS A 264 -13.59 -19.73 -4.74
N PRO A 265 -13.02 -20.72 -5.45
CA PRO A 265 -11.60 -20.63 -5.84
C PRO A 265 -11.24 -19.33 -6.53
N LEU A 266 -12.14 -18.76 -7.33
CA LEU A 266 -11.82 -17.51 -8.01
C LEU A 266 -11.73 -16.37 -7.01
N LEU A 267 -12.58 -16.39 -5.97
CA LEU A 267 -12.46 -15.42 -4.90
C LEU A 267 -11.16 -15.59 -4.13
N GLN A 268 -10.73 -16.83 -3.91
CA GLN A 268 -9.47 -17.04 -3.23
C GLN A 268 -8.32 -16.44 -4.04
N GLU A 269 -8.33 -16.67 -5.36
CA GLU A 269 -7.29 -16.11 -6.21
C GLU A 269 -7.34 -14.59 -6.21
N ILE A 270 -8.55 -14.02 -6.25
CA ILE A 270 -8.70 -12.56 -6.20
C ILE A 270 -8.16 -12.02 -4.88
N TYR A 271 -8.51 -12.67 -3.76
CA TYR A 271 -8.00 -12.20 -2.48
C TYR A 271 -6.48 -12.31 -2.41
N LYS A 272 -5.89 -13.30 -3.10
CA LYS A 272 -4.45 -13.45 -3.03
C LYS A 272 -3.72 -12.30 -3.72
N ASP A 273 -4.39 -11.58 -4.60
CA ASP A 273 -3.85 -10.37 -5.20
C ASP A 273 -4.10 -9.14 -4.34
N LEU A 274 -4.84 -9.32 -3.26
CA LEU A 274 -5.17 -8.23 -2.34
C LEU A 274 -4.29 -8.35 -1.11
N TYR A 275 -4.51 -7.47 -0.14
CA TYR A 275 -3.69 -7.47 1.08
C TYR A 275 -4.48 -7.03 2.30
N GLY B 7 10.61 -14.62 7.37
CA GLY B 7 10.55 -14.69 5.94
C GLY B 7 10.66 -13.24 5.46
N LEU B 8 9.82 -12.33 5.95
CA LEU B 8 9.93 -10.95 5.54
C LEU B 8 11.28 -10.27 5.81
N GLU B 9 11.81 -10.41 7.00
CA GLU B 9 13.09 -9.79 7.30
C GLU B 9 14.18 -10.31 6.38
N ASP B 10 14.14 -11.61 6.08
CA ASP B 10 15.11 -12.19 5.14
C ASP B 10 14.92 -11.63 3.74
N ILE B 11 13.66 -11.48 3.31
CA ILE B 11 13.39 -10.94 1.98
C ILE B 11 13.91 -9.51 1.87
N ILE B 12 13.72 -8.72 2.93
CA ILE B 12 14.17 -7.33 2.91
C ILE B 12 15.69 -7.27 2.98
N ARG B 13 16.27 -8.04 3.90
CA ARG B 13 17.73 -8.13 3.99
C ARG B 13 18.34 -8.47 2.64
N LYS B 14 17.75 -9.46 1.95
CA LYS B 14 18.24 -9.82 0.62
C LYS B 14 18.06 -8.69 -0.37
N ALA B 15 16.89 -8.05 -0.36
CA ALA B 15 16.65 -6.98 -1.30
C ALA B 15 17.59 -5.80 -1.04
N LEU B 16 18.06 -5.64 0.20
CA LEU B 16 18.98 -4.55 0.52
C LEU B 16 20.40 -4.83 0.06
N MET B 17 20.72 -6.09 -0.20
CA MET B 17 22.03 -6.45 -0.71
C MET B 17 22.35 -5.74 -2.02
C13 XZK C . -3.70 -10.53 3.10
C15 XZK C . -5.97 -10.03 2.65
C17 XZK C . -4.63 -11.12 1.00
C01 XZK C . -0.55 -7.48 7.38
C02 XZK C . -1.49 -7.79 6.41
C03 XZK C . -1.23 -8.82 5.51
C04 XZK C . -0.06 -9.55 5.56
C05 XZK C . 0.88 -9.24 6.54
C06 XZK C . 0.62 -8.22 7.43
C07 XZK C . 1.64 -7.91 8.49
C11 XZK C . -2.54 -10.45 4.09
C14 XZK C . -4.89 -9.99 3.51
C16 XZK C . -5.85 -10.59 1.40
C18 XZK C . -3.55 -11.09 1.85
N09 XZK C . 2.87 -8.67 8.53
N10 XZK C . -2.24 -9.11 4.54
N20 XZK C . -7.21 -9.48 3.08
O08 XZK C . 1.41 -7.05 9.28
O12 XZK C . -1.97 -11.42 4.47
O21 XZK C . -8.26 -9.42 2.14
O22 XZK C . -7.37 -9.00 4.38
#